data_6QRC
#
_entry.id   6QRC
#
_cell.length_a   74.459
_cell.length_b   77.412
_cell.length_c   86.648
_cell.angle_alpha   90.000
_cell.angle_beta   90.000
_cell.angle_gamma   90.000
#
_symmetry.space_group_name_H-M   'P 21 21 21'
#
loop_
_entity.id
_entity.type
_entity.pdbx_description
1 polymer 'tRNA (guanine-N(1)-)-methyltransferase'
2 non-polymer 3-[1-[(3-methoxyphenyl)methyl]indol-6-yl]-1~{H}-pyrazol-5-amine
3 non-polymer 'SULFATE ION'
4 water water
#
_entity_poly.entity_id   1
_entity_poly.type   'polypeptide(L)'
_entity_poly.pdbx_seq_one_letter_code
;GSMKIDVVTIFPEYLQPVRQSLPGKAIDAGLVDVAVHDLRRWTHDVHKSVDDSPYGGGPGMVMKPTVWGDALDEICTSET
LLVVPTPAGYPFTQETAWQWSTEDHLVIACGRYEGIDQRVADDAATRMRVREVSIGDYVLNGGEAAALVIIEAVLRLVPG
VLGNALSAQEDSHSEGMASLLEGPSYTRPPSWRGMDVPPVLLSGDHAKIAAWRAEQSRQRTIERRPDLLGFDSPTGEHGG
DGLS
;
_entity_poly.pdbx_strand_id   A,B
#
loop_
_chem_comp.id
_chem_comp.type
_chem_comp.name
_chem_comp.formula
JFE non-polymer 3-[1-[(3-methoxyphenyl)methyl]indol-6-yl]-1~{H}-pyrazol-5-amine 'C19 H18 N4 O'
SO4 non-polymer 'SULFATE ION' 'O4 S -2'
#
# COMPACT_ATOMS: atom_id res chain seq x y z
N SER A 2 -24.37 5.08 2.23
CA SER A 2 -23.24 5.53 3.03
C SER A 2 -22.25 4.41 3.29
N MET A 3 -20.99 4.76 3.51
CA MET A 3 -20.04 3.79 4.05
C MET A 3 -19.35 4.36 5.28
N LYS A 4 -19.37 3.59 6.37
CA LYS A 4 -18.63 3.96 7.57
C LYS A 4 -17.38 3.10 7.63
N ILE A 5 -16.23 3.73 7.89
CA ILE A 5 -15.00 2.98 8.12
C ILE A 5 -14.48 3.31 9.50
N ASP A 6 -14.33 2.29 10.35
CA ASP A 6 -13.67 2.43 11.63
C ASP A 6 -12.30 1.77 11.55
N VAL A 7 -11.27 2.47 12.00
CA VAL A 7 -9.92 1.93 12.02
C VAL A 7 -9.46 1.85 13.45
N VAL A 8 -8.95 0.69 13.88
CA VAL A 8 -8.48 0.54 15.25
C VAL A 8 -6.97 0.32 15.22
N THR A 9 -6.24 1.07 16.03
CA THR A 9 -4.79 1.12 15.89
C THR A 9 -4.15 1.69 17.15
N ILE A 10 -2.92 1.28 17.46
CA ILE A 10 -2.19 1.94 18.56
C ILE A 10 -1.50 3.20 18.08
N PHE A 11 -1.60 3.49 16.78
CA PHE A 11 -1.05 4.72 16.23
C PHE A 11 -2.12 5.51 15.46
N PRO A 12 -3.11 6.07 16.17
CA PRO A 12 -4.19 6.77 15.48
C PRO A 12 -3.70 7.93 14.59
N GLU A 13 -2.58 8.55 14.95
CA GLU A 13 -2.06 9.67 14.15
C GLU A 13 -1.71 9.25 12.72
N TYR A 14 -1.39 7.98 12.53
CA TYR A 14 -0.99 7.45 11.21
C TYR A 14 -2.11 7.60 10.19
N LEU A 15 -3.34 7.58 10.67
CA LEU A 15 -4.50 7.59 9.78
C LEU A 15 -5.04 9.01 9.56
N GLN A 16 -4.39 9.98 10.18
CA GLN A 16 -4.79 11.39 10.05
C GLN A 16 -4.80 11.91 8.61
N PRO A 17 -3.74 11.61 7.80
CA PRO A 17 -3.75 12.07 6.42
C PRO A 17 -5.02 11.73 5.63
N VAL A 18 -5.52 10.51 5.79
CA VAL A 18 -6.64 10.08 4.98
C VAL A 18 -7.95 10.71 5.48
N ARG A 19 -8.03 10.96 6.79
CA ARG A 19 -9.18 11.72 7.32
C ARG A 19 -9.24 13.08 6.64
N GLN A 20 -8.07 13.68 6.45
CA GLN A 20 -7.93 14.96 5.78
C GLN A 20 -8.31 14.90 4.29
N SER A 21 -7.94 13.80 3.63
CA SER A 21 -8.13 13.68 2.19
C SER A 21 -9.59 13.54 1.77
N LEU A 22 -10.50 13.50 2.74
CA LEU A 22 -11.93 13.36 2.47
C LEU A 22 -12.56 14.71 2.15
N PRO A 23 -13.10 14.85 0.94
CA PRO A 23 -13.80 16.06 0.50
C PRO A 23 -15.02 16.36 1.38
N GLY A 24 -15.19 17.63 1.73
CA GLY A 24 -16.29 18.05 2.59
C GLY A 24 -17.65 17.67 2.05
N LYS A 25 -17.80 17.76 0.73
CA LYS A 25 -19.07 17.44 0.07
C LYS A 25 -19.53 16.01 0.35
N ALA A 26 -18.61 15.05 0.26
CA ALA A 26 -18.94 13.65 0.50
C ALA A 26 -19.33 13.39 1.95
N ILE A 27 -18.64 14.05 2.87
CA ILE A 27 -18.95 13.93 4.28
C ILE A 27 -20.30 14.56 4.58
N ASP A 28 -20.48 15.80 4.13
CA ASP A 28 -21.73 16.54 4.32
C ASP A 28 -22.92 15.82 3.70
N ALA A 29 -22.69 15.11 2.60
CA ALA A 29 -23.76 14.32 1.97
C ALA A 29 -23.92 12.97 2.65
N GLY A 30 -23.15 12.73 3.70
CA GLY A 30 -23.22 11.47 4.43
C GLY A 30 -22.89 10.27 3.57
N LEU A 31 -22.00 10.46 2.60
CA LEU A 31 -21.56 9.38 1.73
C LEU A 31 -20.52 8.52 2.43
N VAL A 32 -19.77 9.13 3.33
CA VAL A 32 -18.64 8.45 3.94
C VAL A 32 -18.30 9.07 5.28
N ASP A 33 -17.84 8.23 6.20
CA ASP A 33 -17.36 8.66 7.50
C ASP A 33 -16.24 7.70 7.89
N VAL A 34 -15.06 8.26 8.16
CA VAL A 34 -13.91 7.47 8.60
C VAL A 34 -13.57 7.88 10.01
N ALA A 35 -13.61 6.93 10.93
CA ALA A 35 -13.27 7.21 12.32
C ALA A 35 -12.08 6.38 12.73
N VAL A 36 -11.19 6.98 13.52
CA VAL A 36 -9.99 6.27 13.97
C VAL A 36 -10.01 6.13 15.48
N HIS A 37 -9.74 4.93 15.95
CA HIS A 37 -9.79 4.65 17.39
C HIS A 37 -8.47 4.17 17.92
N ASP A 38 -8.04 4.76 19.02
CA ASP A 38 -6.86 4.28 19.73
C ASP A 38 -7.16 2.97 20.45
N LEU A 39 -6.48 1.88 20.09
CA LEU A 39 -6.72 0.59 20.73
C LEU A 39 -6.56 0.65 22.26
N ARG A 40 -5.71 1.56 22.76
CA ARG A 40 -5.42 1.54 24.19
C ARG A 40 -6.64 1.97 25.01
N ARG A 41 -7.65 2.50 24.34
CA ARG A 41 -8.91 2.83 25.01
C ARG A 41 -9.58 1.58 25.61
N TRP A 42 -9.23 0.40 25.09
CA TRP A 42 -9.83 -0.84 25.57
C TRP A 42 -8.84 -1.68 26.41
N THR A 43 -7.72 -1.10 26.82
CA THR A 43 -6.81 -1.86 27.70
C THR A 43 -7.36 -1.98 29.12
N HIS A 44 -6.84 -2.96 29.86
CA HIS A 44 -7.41 -3.27 31.18
C HIS A 44 -6.61 -2.75 32.35
N ASP A 45 -5.35 -2.42 32.10
CA ASP A 45 -4.39 -2.21 33.15
C ASP A 45 -3.84 -0.80 33.10
N VAL A 46 -3.23 -0.38 34.20
CA VAL A 46 -2.72 0.98 34.29
C VAL A 46 -1.57 1.19 33.30
N HIS A 47 -0.92 0.11 32.87
CA HIS A 47 0.19 0.22 31.92
C HIS A 47 -0.28 0.20 30.46
N LYS A 48 -1.60 0.17 30.26
CA LYS A 48 -2.22 0.15 28.94
C LYS A 48 -1.53 -0.87 28.01
N SER A 49 -1.40 -2.10 28.50
CA SER A 49 -0.71 -3.14 27.75
C SER A 49 -1.52 -3.68 26.57
N VAL A 50 -0.89 -3.76 25.41
CA VAL A 50 -1.59 -4.31 24.25
C VAL A 50 -0.90 -5.55 23.71
N ASP A 51 0.25 -5.90 24.27
CA ASP A 51 1.00 -7.05 23.78
C ASP A 51 1.54 -7.92 24.90
N ASP A 52 1.97 -9.13 24.54
CA ASP A 52 2.40 -10.13 25.51
C ASP A 52 3.19 -11.19 24.75
N SER A 53 3.90 -12.06 25.46
CA SER A 53 4.81 -13.01 24.82
C SER A 53 4.09 -14.14 24.08
N PRO A 54 4.68 -14.61 22.97
CA PRO A 54 4.03 -15.65 22.17
C PRO A 54 4.06 -17.03 22.82
N TYR A 55 2.93 -17.71 22.88
CA TYR A 55 2.93 -19.10 23.31
C TYR A 55 3.78 -19.93 22.35
N GLY A 56 4.56 -20.85 22.90
CA GLY A 56 5.41 -21.69 22.08
C GLY A 56 6.74 -21.03 21.82
N GLY A 57 6.91 -19.82 22.35
CA GLY A 57 8.15 -19.09 22.23
C GLY A 57 8.35 -18.42 20.89
N GLY A 58 9.52 -17.81 20.73
CA GLY A 58 9.85 -17.13 19.50
C GLY A 58 10.08 -15.65 19.72
N PRO A 59 10.52 -14.95 18.67
CA PRO A 59 10.84 -13.53 18.74
C PRO A 59 9.61 -12.65 18.66
N GLY A 60 9.74 -11.43 19.12
CA GLY A 60 8.65 -10.47 19.02
C GLY A 60 7.53 -10.77 20.00
N MET A 61 6.43 -10.06 19.82
CA MET A 61 5.31 -10.09 20.75
C MET A 61 4.01 -10.27 19.99
N VAL A 62 2.94 -10.61 20.70
CA VAL A 62 1.65 -10.87 20.08
C VAL A 62 0.61 -9.97 20.73
N MET A 63 -0.29 -9.37 19.96
CA MET A 63 -1.27 -8.50 20.59
C MET A 63 -2.33 -9.29 21.34
N LYS A 64 -2.70 -8.76 22.51
CA LYS A 64 -3.58 -9.46 23.45
C LYS A 64 -5.00 -9.63 22.92
N PRO A 65 -5.55 -10.85 23.01
CA PRO A 65 -6.93 -11.07 22.55
C PRO A 65 -7.97 -10.32 23.40
N THR A 66 -7.73 -10.20 24.69
CA THR A 66 -8.75 -9.58 25.55
C THR A 66 -9.00 -8.11 25.18
N VAL A 67 -7.94 -7.37 24.87
CA VAL A 67 -8.05 -5.97 24.45
C VAL A 67 -8.78 -5.83 23.11
N TRP A 68 -8.30 -6.56 22.11
CA TRP A 68 -8.95 -6.55 20.80
C TRP A 68 -10.39 -7.02 20.84
N GLY A 69 -10.66 -8.02 21.67
CA GLY A 69 -12.01 -8.53 21.78
C GLY A 69 -12.98 -7.47 22.27
N ASP A 70 -12.58 -6.71 23.29
CA ASP A 70 -13.41 -5.63 23.79
C ASP A 70 -13.60 -4.54 22.75
N ALA A 71 -12.52 -4.21 22.03
CA ALA A 71 -12.58 -3.15 21.02
C ALA A 71 -13.57 -3.52 19.92
N LEU A 72 -13.42 -4.72 19.39
CA LEU A 72 -14.26 -5.14 18.28
C LEU A 72 -15.69 -5.38 18.74
N ASP A 73 -15.85 -5.81 19.99
CA ASP A 73 -17.20 -5.99 20.55
C ASP A 73 -17.96 -4.68 20.49
N GLU A 74 -17.27 -3.60 20.79
CA GLU A 74 -17.93 -2.29 20.85
C GLU A 74 -18.20 -1.72 19.47
N ILE A 75 -17.23 -1.91 18.58
CA ILE A 75 -17.26 -1.26 17.28
C ILE A 75 -18.01 -2.04 16.20
N CYS A 76 -17.86 -3.35 16.18
CA CYS A 76 -18.49 -4.15 15.12
C CYS A 76 -19.94 -4.51 15.42
N THR A 77 -20.69 -4.77 14.36
CA THR A 77 -21.99 -5.41 14.45
C THR A 77 -21.97 -6.64 13.55
N SER A 78 -23.09 -7.37 13.50
CA SER A 78 -23.18 -8.52 12.61
C SER A 78 -23.05 -8.12 11.13
N GLU A 79 -23.25 -6.83 10.83
CA GLU A 79 -23.21 -6.38 9.45
C GLU A 79 -21.81 -5.93 9.03
N THR A 80 -20.90 -5.84 10.00
CA THR A 80 -19.53 -5.39 9.74
C THR A 80 -18.73 -6.33 8.86
N LEU A 81 -17.95 -5.77 7.94
CA LEU A 81 -16.90 -6.51 7.28
C LEU A 81 -15.60 -6.17 8.00
N LEU A 82 -15.06 -7.14 8.73
CA LEU A 82 -13.85 -6.92 9.51
C LEU A 82 -12.63 -7.21 8.65
N VAL A 83 -11.79 -6.21 8.46
CA VAL A 83 -10.62 -6.32 7.59
C VAL A 83 -9.40 -6.35 8.48
N VAL A 84 -8.59 -7.40 8.35
CA VAL A 84 -7.42 -7.55 9.17
C VAL A 84 -6.19 -7.65 8.29
N PRO A 85 -5.44 -6.55 8.14
CA PRO A 85 -4.20 -6.64 7.36
C PRO A 85 -3.21 -7.60 7.98
N THR A 86 -2.50 -8.34 7.14
CA THR A 86 -1.50 -9.28 7.64
C THR A 86 -0.68 -9.79 6.47
N PRO A 87 0.63 -9.98 6.68
CA PRO A 87 1.44 -10.52 5.55
C PRO A 87 0.99 -11.91 5.15
N ALA A 88 0.26 -12.59 6.02
CA ALA A 88 -0.22 -13.94 5.78
C ALA A 88 -1.65 -13.96 5.22
N GLY A 89 -2.14 -12.81 4.78
CA GLY A 89 -3.52 -12.74 4.34
C GLY A 89 -3.75 -13.18 2.90
N TYR A 90 -5.02 -13.33 2.54
CA TYR A 90 -5.37 -13.42 1.13
C TYR A 90 -4.98 -12.12 0.42
N PRO A 91 -4.68 -12.20 -0.88
CA PRO A 91 -4.31 -10.96 -1.59
C PRO A 91 -5.45 -9.99 -1.76
N PHE A 92 -5.22 -8.76 -1.34
CA PHE A 92 -6.11 -7.64 -1.63
C PHE A 92 -5.84 -7.15 -3.03
N THR A 93 -6.85 -7.20 -3.90
CA THR A 93 -6.69 -6.75 -5.29
C THR A 93 -7.75 -5.74 -5.64
N GLN A 94 -7.68 -5.23 -6.87
CA GLN A 94 -8.70 -4.31 -7.33
C GLN A 94 -10.09 -4.94 -7.26
N GLU A 95 -10.16 -6.24 -7.51
CA GLU A 95 -11.43 -6.96 -7.42
C GLU A 95 -11.98 -6.88 -6.00
N THR A 96 -11.10 -7.06 -5.02
CA THR A 96 -11.48 -6.91 -3.62
C THR A 96 -12.01 -5.51 -3.34
N ALA A 97 -11.26 -4.51 -3.80
CA ALA A 97 -11.61 -3.11 -3.60
C ALA A 97 -13.01 -2.80 -4.15
N TRP A 98 -13.30 -3.32 -5.34
CA TRP A 98 -14.64 -3.18 -5.93
C TRP A 98 -15.70 -3.81 -5.04
N GLN A 99 -15.46 -5.05 -4.62
CA GLN A 99 -16.41 -5.75 -3.74
C GLN A 99 -16.67 -4.96 -2.46
N TRP A 100 -15.62 -4.46 -1.84
CA TRP A 100 -15.77 -3.77 -0.56
C TRP A 100 -16.38 -2.37 -0.69
N SER A 101 -16.32 -1.80 -1.88
CA SER A 101 -16.76 -0.42 -2.10
C SER A 101 -18.27 -0.22 -1.88
N THR A 102 -19.03 -1.31 -1.85
CA THR A 102 -20.46 -1.17 -1.61
C THR A 102 -20.84 -1.62 -0.20
N GLU A 103 -19.85 -1.85 0.67
CA GLU A 103 -20.15 -2.25 2.04
C GLU A 103 -20.65 -1.10 2.88
N ASP A 104 -21.55 -1.37 3.82
CA ASP A 104 -22.04 -0.35 4.73
C ASP A 104 -21.03 0.01 5.83
N HIS A 105 -20.25 -0.98 6.26
CA HIS A 105 -19.40 -0.80 7.43
C HIS A 105 -18.14 -1.64 7.33
N LEU A 106 -17.00 -1.00 7.10
CA LEU A 106 -15.72 -1.68 7.23
C LEU A 106 -15.08 -1.34 8.56
N VAL A 107 -14.52 -2.35 9.24
CA VAL A 107 -13.71 -2.11 10.42
C VAL A 107 -12.33 -2.68 10.11
N ILE A 108 -11.32 -1.82 10.21
CA ILE A 108 -9.97 -2.28 9.89
C ILE A 108 -9.15 -2.38 11.16
N ALA A 109 -8.74 -3.60 11.49
CA ALA A 109 -7.99 -3.88 12.70
C ALA A 109 -6.52 -3.90 12.41
N CYS A 110 -5.80 -2.85 12.80
CA CYS A 110 -4.37 -2.74 12.52
C CYS A 110 -3.53 -3.32 13.62
N GLY A 111 -2.79 -4.37 13.29
CA GLY A 111 -1.88 -4.97 14.23
C GLY A 111 -0.54 -4.27 14.23
N ARG A 112 0.25 -4.57 15.26
CA ARG A 112 1.66 -4.21 15.34
C ARG A 112 2.39 -5.41 15.93
N TYR A 113 3.65 -5.22 16.31
CA TYR A 113 4.47 -6.32 16.80
C TYR A 113 4.48 -7.45 15.79
N GLU A 114 4.19 -8.68 16.24
CA GLU A 114 4.14 -9.82 15.34
C GLU A 114 2.71 -10.23 14.98
N GLY A 115 1.75 -9.35 15.27
CA GLY A 115 0.38 -9.61 14.86
C GLY A 115 -0.57 -9.79 16.03
N ILE A 116 -1.79 -10.22 15.72
CA ILE A 116 -2.86 -10.32 16.70
C ILE A 116 -3.14 -11.78 17.01
N ASP A 117 -3.32 -12.10 18.29
CA ASP A 117 -3.74 -13.43 18.69
C ASP A 117 -4.84 -13.94 17.75
N GLN A 118 -4.63 -15.12 17.17
CA GLN A 118 -5.53 -15.61 16.12
C GLN A 118 -6.97 -15.77 16.60
N ARG A 119 -7.18 -15.93 17.91
CA ARG A 119 -8.53 -16.16 18.39
C ARG A 119 -9.42 -14.93 18.20
N VAL A 120 -8.80 -13.76 18.09
CA VAL A 120 -9.60 -12.55 17.84
C VAL A 120 -10.37 -12.66 16.53
N ALA A 121 -9.66 -12.92 15.44
CA ALA A 121 -10.32 -13.10 14.13
C ALA A 121 -11.25 -14.31 14.12
N ASP A 122 -10.80 -15.41 14.72
CA ASP A 122 -11.60 -16.64 14.74
C ASP A 122 -12.93 -16.45 15.49
N ASP A 123 -12.87 -15.74 16.63
CA ASP A 123 -14.07 -15.42 17.39
C ASP A 123 -14.98 -14.49 16.58
N ALA A 124 -14.41 -13.42 16.02
CA ALA A 124 -15.18 -12.49 15.21
C ALA A 124 -15.88 -13.18 14.04
N ALA A 125 -15.20 -14.14 13.42
CA ALA A 125 -15.73 -14.83 12.26
C ALA A 125 -16.96 -15.65 12.60
N THR A 126 -17.21 -15.92 13.87
CA THR A 126 -18.41 -16.68 14.24
C THR A 126 -19.66 -15.80 14.21
N ARG A 127 -19.50 -14.48 14.03
CA ARG A 127 -20.69 -13.66 13.97
C ARG A 127 -20.63 -12.50 12.97
N MET A 128 -19.52 -12.38 12.25
CA MET A 128 -19.44 -11.42 11.17
C MET A 128 -18.49 -11.91 10.10
N ARG A 129 -18.50 -11.26 8.94
CA ARG A 129 -17.57 -11.59 7.89
C ARG A 129 -16.19 -11.02 8.22
N VAL A 130 -15.16 -11.87 8.20
CA VAL A 130 -13.80 -11.43 8.50
C VAL A 130 -12.92 -11.71 7.29
N ARG A 131 -12.07 -10.75 6.94
CA ARG A 131 -11.16 -10.89 5.80
C ARG A 131 -9.74 -10.57 6.22
N GLU A 132 -8.87 -11.58 6.34
CA GLU A 132 -7.46 -11.32 6.56
C GLU A 132 -6.81 -11.10 5.20
N VAL A 133 -6.16 -9.96 5.00
CA VAL A 133 -5.63 -9.66 3.68
C VAL A 133 -4.23 -9.11 3.69
N SER A 134 -3.49 -9.43 2.63
CA SER A 134 -2.16 -8.87 2.38
CA SER A 134 -2.18 -8.83 2.40
C SER A 134 -2.23 -7.85 1.24
N ILE A 135 -1.50 -6.75 1.33
CA ILE A 135 -1.53 -5.77 0.21
C ILE A 135 -0.35 -5.93 -0.75
N GLY A 136 0.52 -6.89 -0.48
CA GLY A 136 1.65 -7.15 -1.36
C GLY A 136 2.68 -8.04 -0.72
N ASP A 137 3.63 -8.54 -1.50
CA ASP A 137 4.58 -9.50 -0.96
C ASP A 137 5.82 -8.83 -0.36
N TYR A 138 5.58 -8.03 0.67
CA TYR A 138 6.62 -7.39 1.44
C TYR A 138 6.09 -7.32 2.85
N VAL A 139 6.99 -7.07 3.78
CA VAL A 139 6.59 -7.05 5.19
C VAL A 139 6.64 -5.64 5.72
N LEU A 140 5.53 -5.17 6.31
CA LEU A 140 5.48 -3.87 6.96
C LEU A 140 5.73 -4.01 8.47
N ASN A 141 5.76 -2.89 9.18
CA ASN A 141 5.89 -2.98 10.64
C ASN A 141 4.54 -3.17 11.33
N GLY A 142 3.46 -2.92 10.61
CA GLY A 142 2.14 -3.04 11.19
C GLY A 142 1.08 -2.78 10.15
N GLY A 143 -0.19 -2.81 10.57
CA GLY A 143 -1.29 -2.77 9.62
C GLY A 143 -1.65 -1.40 9.09
N GLU A 144 -1.09 -0.34 9.67
CA GLU A 144 -1.58 1.01 9.37
C GLU A 144 -1.35 1.43 7.93
N ALA A 145 -0.15 1.20 7.39
CA ALA A 145 0.07 1.58 5.99
C ALA A 145 -0.83 0.78 5.05
N ALA A 146 -1.10 -0.47 5.41
CA ALA A 146 -2.01 -1.31 4.65
C ALA A 146 -3.43 -0.74 4.72
N ALA A 147 -3.83 -0.27 5.90
CA ALA A 147 -5.15 0.35 6.04
C ALA A 147 -5.28 1.58 5.15
N LEU A 148 -4.23 2.39 5.08
CA LEU A 148 -4.25 3.57 4.21
C LEU A 148 -4.44 3.18 2.75
N VAL A 149 -3.71 2.16 2.34
CA VAL A 149 -3.83 1.66 0.97
C VAL A 149 -5.25 1.13 0.68
N ILE A 150 -5.77 0.33 1.59
CA ILE A 150 -7.10 -0.24 1.40
C ILE A 150 -8.16 0.84 1.38
N ILE A 151 -8.06 1.79 2.30
CA ILE A 151 -9.05 2.87 2.34
C ILE A 151 -9.02 3.66 1.05
N GLU A 152 -7.82 3.97 0.56
CA GLU A 152 -7.75 4.76 -0.66
C GLU A 152 -8.28 3.98 -1.87
N ALA A 153 -7.89 2.71 -1.98
CA ALA A 153 -8.28 1.92 -3.14
C ALA A 153 -9.78 1.67 -3.16
N VAL A 154 -10.37 1.54 -1.98
CA VAL A 154 -11.81 1.30 -1.90
C VAL A 154 -12.60 2.59 -2.11
N LEU A 155 -12.20 3.65 -1.43
CA LEU A 155 -12.98 4.88 -1.45
C LEU A 155 -12.95 5.58 -2.80
N ARG A 156 -11.93 5.33 -3.60
CA ARG A 156 -11.92 5.98 -4.91
C ARG A 156 -12.88 5.29 -5.87
N LEU A 157 -13.44 4.16 -5.46
CA LEU A 157 -14.46 3.47 -6.24
C LEU A 157 -15.88 3.81 -5.79
N VAL A 158 -16.00 4.52 -4.66
CA VAL A 158 -17.31 4.98 -4.19
C VAL A 158 -17.58 6.33 -4.84
N PRO A 159 -18.62 6.38 -5.69
CA PRO A 159 -18.93 7.57 -6.50
C PRO A 159 -18.94 8.86 -5.67
N GLY A 160 -18.11 9.81 -6.06
CA GLY A 160 -18.09 11.13 -5.46
C GLY A 160 -17.41 11.26 -4.11
N VAL A 161 -16.68 10.24 -3.68
CA VAL A 161 -16.07 10.31 -2.37
C VAL A 161 -14.71 11.01 -2.39
N LEU A 162 -13.76 10.57 -3.22
CA LEU A 162 -12.39 11.07 -3.10
C LEU A 162 -12.03 12.25 -4.02
N GLY A 163 -12.94 12.64 -4.90
CA GLY A 163 -12.67 13.73 -5.83
C GLY A 163 -12.13 13.24 -7.16
N ASN A 164 -11.88 11.94 -7.24
CA ASN A 164 -11.50 11.29 -8.49
C ASN A 164 -12.74 10.78 -9.20
N ALA A 165 -12.72 10.76 -10.54
CA ALA A 165 -13.86 10.34 -11.31
C ALA A 165 -13.46 9.34 -12.40
N SER A 179 -5.24 -9.10 -17.53
CA SER A 179 -5.29 -7.67 -17.82
C SER A 179 -3.95 -7.18 -18.36
N LEU A 180 -3.94 -5.96 -18.87
CA LEU A 180 -2.71 -5.37 -19.38
C LEU A 180 -2.34 -4.10 -18.60
N LEU A 181 -1.06 -3.78 -18.57
CA LEU A 181 -0.59 -2.56 -17.93
C LEU A 181 -0.89 -1.34 -18.80
N GLU A 182 -1.16 -0.22 -18.15
CA GLU A 182 -1.26 1.05 -18.87
C GLU A 182 0.10 1.47 -19.44
N GLY A 183 0.10 1.98 -20.66
CA GLY A 183 1.33 2.43 -21.30
C GLY A 183 1.68 3.84 -20.88
N PRO A 184 2.71 4.41 -21.53
CA PRO A 184 3.17 5.76 -21.17
C PRO A 184 2.17 6.84 -21.53
N SER A 185 2.16 7.91 -20.74
CA SER A 185 1.33 9.09 -21.03
CA SER A 185 1.34 9.07 -21.07
C SER A 185 2.22 10.31 -21.25
N TYR A 186 1.71 11.25 -22.03
CA TYR A 186 2.46 12.46 -22.37
C TYR A 186 1.56 13.67 -22.34
N THR A 187 2.13 14.82 -22.00
CA THR A 187 1.40 16.08 -22.13
C THR A 187 2.36 17.18 -22.60
N ARG A 188 1.87 18.42 -22.63
CA ARG A 188 2.68 19.57 -23.01
CA ARG A 188 2.70 19.54 -23.05
C ARG A 188 3.93 19.70 -22.14
N PRO A 189 5.05 20.12 -22.73
CA PRO A 189 5.27 20.53 -24.12
C PRO A 189 5.58 19.38 -25.09
N PRO A 190 5.37 19.61 -26.39
CA PRO A 190 5.60 18.53 -27.38
C PRO A 190 7.05 18.07 -27.43
N SER A 191 7.97 18.95 -27.03
CA SER A 191 9.39 18.61 -26.99
CA SER A 191 9.40 18.63 -26.99
C SER A 191 9.97 19.07 -25.65
N TRP A 192 10.74 18.19 -25.02
CA TRP A 192 11.27 18.50 -23.71
C TRP A 192 12.57 17.73 -23.49
N ARG A 193 13.64 18.46 -23.18
CA ARG A 193 14.96 17.88 -22.96
C ARG A 193 15.34 16.85 -24.02
N GLY A 194 15.08 17.21 -25.29
CA GLY A 194 15.50 16.38 -26.40
C GLY A 194 14.56 15.23 -26.69
N MET A 195 13.46 15.15 -25.95
CA MET A 195 12.51 14.06 -26.14
C MET A 195 11.16 14.56 -26.66
N ASP A 196 10.79 14.09 -27.85
CA ASP A 196 9.52 14.45 -28.47
C ASP A 196 8.41 13.50 -28.06
N VAL A 197 7.22 14.04 -27.82
CA VAL A 197 6.04 13.19 -27.72
C VAL A 197 5.91 12.34 -28.98
N PRO A 198 5.62 11.04 -28.83
CA PRO A 198 5.43 10.19 -30.02
C PRO A 198 4.46 10.82 -31.02
N PRO A 199 4.94 11.08 -32.25
CA PRO A 199 4.16 11.78 -33.27
C PRO A 199 2.77 11.20 -33.50
N VAL A 200 2.62 9.90 -33.34
CA VAL A 200 1.33 9.25 -33.57
C VAL A 200 0.24 9.91 -32.71
N LEU A 201 0.61 10.37 -31.52
CA LEU A 201 -0.38 10.92 -30.59
C LEU A 201 -0.91 12.27 -31.07
N LEU A 202 -0.17 12.91 -31.96
CA LEU A 202 -0.59 14.21 -32.47
C LEU A 202 -1.12 14.08 -33.91
N SER A 203 -1.39 12.84 -34.33
CA SER A 203 -1.73 12.55 -35.73
C SER A 203 -3.19 12.78 -36.10
N GLY A 204 -4.07 12.81 -35.11
CA GLY A 204 -5.50 12.86 -35.38
C GLY A 204 -6.05 11.59 -36.02
N ASP A 205 -5.28 10.51 -35.99
CA ASP A 205 -5.77 9.22 -36.46
C ASP A 205 -6.06 8.42 -35.21
N HIS A 206 -7.32 8.46 -34.76
CA HIS A 206 -7.60 7.91 -33.43
C HIS A 206 -7.66 6.38 -33.40
N ALA A 207 -7.88 5.74 -34.54
CA ALA A 207 -7.79 4.29 -34.58
C ALA A 207 -6.33 3.87 -34.46
N LYS A 208 -5.45 4.57 -35.16
CA LYS A 208 -4.01 4.27 -35.09
C LYS A 208 -3.48 4.53 -33.68
N ILE A 209 -3.92 5.62 -33.06
CA ILE A 209 -3.51 5.94 -31.71
C ILE A 209 -3.91 4.82 -30.74
N ALA A 210 -5.14 4.34 -30.85
CA ALA A 210 -5.60 3.26 -29.99
C ALA A 210 -4.73 2.01 -30.18
N ALA A 211 -4.36 1.72 -31.42
CA ALA A 211 -3.52 0.55 -31.69
C ALA A 211 -2.11 0.73 -31.17
N TRP A 212 -1.58 1.93 -31.29
CA TRP A 212 -0.26 2.23 -30.75
C TRP A 212 -0.28 2.07 -29.22
N ARG A 213 -1.32 2.58 -28.58
CA ARG A 213 -1.42 2.43 -27.13
C ARG A 213 -1.54 0.97 -26.70
N ALA A 214 -2.35 0.22 -27.44
CA ALA A 214 -2.51 -1.21 -27.16
C ALA A 214 -1.18 -1.94 -27.26
N GLU A 215 -0.40 -1.64 -28.29
CA GLU A 215 0.91 -2.27 -28.46
C GLU A 215 1.89 -1.85 -27.36
N GLN A 216 1.84 -0.59 -26.95
CA GLN A 216 2.67 -0.14 -25.84
C GLN A 216 2.32 -0.92 -24.57
N SER A 217 1.02 -1.08 -24.35
CA SER A 217 0.53 -1.83 -23.18
CA SER A 217 0.54 -1.83 -23.18
C SER A 217 1.01 -3.27 -23.22
N ARG A 218 0.91 -3.89 -24.40
CA ARG A 218 1.36 -5.28 -24.55
C ARG A 218 2.85 -5.38 -24.23
N GLN A 219 3.67 -4.52 -24.85
CA GLN A 219 5.12 -4.54 -24.61
C GLN A 219 5.47 -4.31 -23.13
N ARG A 220 4.81 -3.36 -22.50
CA ARG A 220 5.10 -3.08 -21.10
C ARG A 220 4.74 -4.25 -20.21
N THR A 221 3.62 -4.90 -20.51
CA THR A 221 3.16 -6.03 -19.74
C THR A 221 4.17 -7.18 -19.89
N ILE A 222 4.63 -7.43 -21.11
CA ILE A 222 5.64 -8.46 -21.33
C ILE A 222 6.92 -8.18 -20.54
N GLU A 223 7.39 -6.95 -20.58
CA GLU A 223 8.63 -6.58 -19.92
C GLU A 223 8.52 -6.57 -18.40
N ARG A 224 7.39 -6.07 -17.88
CA ARG A 224 7.31 -5.79 -16.44
C ARG A 224 6.50 -6.80 -15.64
N ARG A 225 5.52 -7.40 -16.28
CA ARG A 225 4.56 -8.27 -15.61
C ARG A 225 4.23 -9.48 -16.46
N PRO A 226 5.26 -10.28 -16.80
CA PRO A 226 4.98 -11.46 -17.62
C PRO A 226 4.00 -12.43 -16.94
N ASP A 227 3.84 -12.31 -15.63
CA ASP A 227 2.89 -13.13 -14.89
C ASP A 227 1.45 -12.89 -15.32
N LEU A 228 1.18 -11.74 -15.93
CA LEU A 228 -0.17 -11.40 -16.34
C LEU A 228 -0.54 -12.02 -17.68
N LEU A 229 0.44 -12.66 -18.31
CA LEU A 229 0.27 -13.23 -19.64
C LEU A 229 0.24 -14.75 -19.58
N SER B 2 23.82 4.27 6.42
CA SER B 2 23.07 5.53 6.48
C SER B 2 22.27 5.74 5.19
N MET B 3 21.01 6.15 5.33
CA MET B 3 20.17 6.38 4.17
C MET B 3 19.44 7.72 4.23
N LYS B 4 19.37 8.39 3.09
CA LYS B 4 18.56 9.59 2.94
C LYS B 4 17.39 9.28 2.01
N ILE B 5 16.18 9.65 2.44
CA ILE B 5 15.02 9.49 1.56
C ILE B 5 14.33 10.84 1.35
N ASP B 6 14.24 11.24 0.09
CA ASP B 6 13.47 12.43 -0.28
C ASP B 6 12.17 12.01 -0.97
N VAL B 7 11.06 12.58 -0.54
CA VAL B 7 9.78 12.31 -1.17
C VAL B 7 9.25 13.58 -1.80
N VAL B 8 8.86 13.51 -3.07
CA VAL B 8 8.35 14.67 -3.78
C VAL B 8 6.89 14.47 -4.13
N THR B 9 6.06 15.45 -3.77
CA THR B 9 4.63 15.28 -3.81
C THR B 9 3.94 16.64 -3.82
N ILE B 10 2.79 16.72 -4.47
CA ILE B 10 1.94 17.92 -4.33
C ILE B 10 1.10 17.88 -3.06
N PHE B 11 1.18 16.78 -2.31
CA PHE B 11 0.46 16.66 -1.03
C PHE B 11 1.38 16.28 0.12
N PRO B 12 2.30 17.19 0.51
CA PRO B 12 3.27 16.97 1.59
C PRO B 12 2.64 16.47 2.88
N GLU B 13 1.46 17.00 3.22
CA GLU B 13 0.82 16.67 4.48
C GLU B 13 0.45 15.19 4.58
N TYR B 14 0.21 14.55 3.43
CA TYR B 14 -0.13 13.12 3.41
CA TYR B 14 -0.13 13.13 3.40
C TYR B 14 1.05 12.28 3.87
N LEU B 15 2.25 12.84 3.82
CA LEU B 15 3.46 12.07 4.18
C LEU B 15 3.82 12.17 5.66
N GLN B 16 3.04 12.93 6.42
CA GLN B 16 3.36 13.12 7.84
C GLN B 16 3.37 11.82 8.70
N PRO B 17 2.67 10.74 8.29
CA PRO B 17 2.85 9.49 9.04
C PRO B 17 4.31 8.97 9.16
N VAL B 18 5.28 9.59 8.49
CA VAL B 18 6.67 9.20 8.68
C VAL B 18 7.27 9.84 9.92
N GLY B 30 18.46 8.10 13.68
CA GLY B 30 19.62 8.89 13.29
C GLY B 30 20.39 8.29 12.13
N LEU B 31 20.13 7.03 11.82
CA LEU B 31 20.80 6.34 10.73
C LEU B 31 20.13 6.64 9.39
N VAL B 32 18.94 7.23 9.46
CA VAL B 32 18.21 7.57 8.24
C VAL B 32 17.40 8.86 8.42
N ASP B 33 17.51 9.76 7.43
CA ASP B 33 16.67 10.95 7.41
C ASP B 33 15.69 10.88 6.24
N VAL B 34 14.47 11.35 6.50
CA VAL B 34 13.43 11.39 5.48
C VAL B 34 12.96 12.83 5.32
N ALA B 35 13.03 13.37 4.10
CA ALA B 35 12.56 14.71 3.84
C ALA B 35 11.43 14.71 2.81
N VAL B 36 10.43 15.56 3.02
CA VAL B 36 9.30 15.66 2.11
C VAL B 36 9.28 17.02 1.43
N HIS B 37 9.15 17.01 0.10
CA HIS B 37 9.17 18.24 -0.67
C HIS B 37 7.88 18.47 -1.44
N ASP B 38 7.41 19.70 -1.40
CA ASP B 38 6.25 20.13 -2.16
C ASP B 38 6.66 20.39 -3.61
N LEU B 39 6.10 19.63 -4.54
CA LEU B 39 6.47 19.78 -5.96
C LEU B 39 6.19 21.19 -6.46
N ARG B 40 5.16 21.83 -5.90
CA ARG B 40 4.74 23.15 -6.39
C ARG B 40 5.78 24.23 -6.12
N ARG B 41 6.72 23.96 -5.23
CA ARG B 41 7.79 24.92 -4.95
C ARG B 41 8.69 25.15 -6.20
N TRP B 42 8.54 24.31 -7.22
CA TRP B 42 9.35 24.42 -8.44
C TRP B 42 8.56 24.95 -9.65
N THR B 43 7.34 25.42 -9.42
CA THR B 43 6.56 26.05 -10.49
C THR B 43 6.95 27.52 -10.65
N HIS B 44 6.59 28.11 -11.78
CA HIS B 44 6.91 29.51 -12.06
C HIS B 44 5.69 30.38 -12.28
N ASP B 45 4.62 29.81 -12.83
CA ASP B 45 3.37 30.57 -13.04
C ASP B 45 2.64 30.79 -11.72
N VAL B 46 1.75 31.78 -11.69
CA VAL B 46 1.04 32.14 -10.48
C VAL B 46 -0.02 31.11 -10.09
N HIS B 47 -0.47 30.33 -11.07
CA HIS B 47 -1.49 29.32 -10.84
C HIS B 47 -0.87 27.98 -10.39
N LYS B 48 0.45 27.87 -10.53
CA LYS B 48 1.20 26.67 -10.14
C LYS B 48 0.65 25.39 -10.77
N SER B 49 0.26 25.47 -12.05
CA SER B 49 -0.41 24.33 -12.70
C SER B 49 0.55 23.21 -13.07
N VAL B 50 0.40 22.07 -12.40
CA VAL B 50 1.34 20.97 -12.60
C VAL B 50 0.83 19.94 -13.60
N ASP B 51 -0.39 20.11 -14.09
CA ASP B 51 -1.02 19.09 -14.93
C ASP B 51 -1.63 19.65 -16.22
N ASP B 52 -1.78 18.80 -17.22
CA ASP B 52 -2.47 19.18 -18.44
C ASP B 52 -3.05 17.92 -19.09
N SER B 53 -3.86 18.12 -20.12
CA SER B 53 -4.56 17.03 -20.79
C SER B 53 -3.58 16.14 -21.56
N PRO B 54 -3.88 14.84 -21.67
CA PRO B 54 -2.97 13.91 -22.34
C PRO B 54 -2.90 14.11 -23.85
N TYR B 55 -1.70 14.08 -24.41
CA TYR B 55 -1.60 13.99 -25.86
C TYR B 55 -2.24 12.68 -26.31
N GLY B 56 -2.96 12.73 -27.43
CA GLY B 56 -3.60 11.54 -27.97
C GLY B 56 -4.98 11.29 -27.40
N GLY B 57 -5.38 12.12 -26.45
CA GLY B 57 -6.70 11.99 -25.84
C GLY B 57 -6.81 11.04 -24.67
N GLY B 58 -8.00 10.97 -24.10
CA GLY B 58 -8.22 10.13 -22.94
C GLY B 58 -8.69 10.94 -21.75
N PRO B 59 -9.23 10.26 -20.74
CA PRO B 59 -9.77 10.95 -19.57
C PRO B 59 -8.66 11.33 -18.60
N GLY B 60 -8.92 12.33 -17.77
CA GLY B 60 -7.97 12.70 -16.75
C GLY B 60 -6.83 13.56 -17.25
N MET B 61 -5.87 13.80 -16.36
CA MET B 61 -4.80 14.74 -16.64
C MET B 61 -3.48 14.07 -16.39
N VAL B 62 -2.42 14.66 -16.94
CA VAL B 62 -1.07 14.12 -16.81
C VAL B 62 -0.20 15.19 -16.17
N MET B 63 0.72 14.79 -15.31
CA MET B 63 1.60 15.80 -14.71
C MET B 63 2.65 16.20 -15.74
N LYS B 64 2.83 17.52 -15.89
CA LYS B 64 3.81 18.08 -16.83
C LYS B 64 5.25 17.72 -16.44
N PRO B 65 6.09 17.45 -17.44
CA PRO B 65 7.47 17.03 -17.17
C PRO B 65 8.33 18.18 -16.64
N THR B 66 7.99 19.41 -17.03
CA THR B 66 8.84 20.57 -16.74
C THR B 66 9.08 20.78 -15.24
N VAL B 67 8.00 20.81 -14.47
CA VAL B 67 8.10 21.02 -13.03
C VAL B 67 8.85 19.88 -12.35
N TRP B 68 8.59 18.64 -12.78
CA TRP B 68 9.30 17.49 -12.22
C TRP B 68 10.80 17.55 -12.54
N GLY B 69 11.13 17.95 -13.75
CA GLY B 69 12.52 18.00 -14.19
C GLY B 69 13.32 18.95 -13.31
N ASP B 70 12.70 20.08 -12.98
CA ASP B 70 13.38 21.07 -12.15
C ASP B 70 13.53 20.59 -10.72
N ALA B 71 12.49 19.97 -10.17
CA ALA B 71 12.59 19.40 -8.83
C ALA B 71 13.68 18.34 -8.76
N LEU B 72 13.67 17.40 -9.70
CA LEU B 72 14.60 16.28 -9.62
C LEU B 72 16.04 16.73 -9.88
N ASP B 73 16.19 17.74 -10.73
CA ASP B 73 17.50 18.34 -10.97
C ASP B 73 18.16 18.77 -9.67
N GLU B 74 17.39 19.39 -8.78
CA GLU B 74 17.91 19.93 -7.53
C GLU B 74 18.10 18.86 -6.47
N ILE B 75 17.23 17.85 -6.47
CA ILE B 75 17.20 16.86 -5.39
C ILE B 75 18.10 15.65 -5.66
N CYS B 76 18.20 15.24 -6.94
CA CYS B 76 18.90 14.01 -7.28
C CYS B 76 20.36 14.20 -7.67
N THR B 77 21.16 13.17 -7.41
CA THR B 77 22.49 13.06 -7.99
C THR B 77 22.54 11.82 -8.85
N SER B 78 23.68 11.56 -9.48
CA SER B 78 23.83 10.37 -10.29
C SER B 78 23.86 9.10 -9.43
N GLU B 79 23.97 9.27 -8.11
CA GLU B 79 24.01 8.16 -7.16
C GLU B 79 22.61 7.75 -6.74
N THR B 80 21.67 8.66 -6.95
CA THR B 80 20.28 8.49 -6.50
C THR B 80 19.61 7.30 -7.15
N LEU B 81 18.80 6.58 -6.37
CA LEU B 81 17.85 5.64 -6.92
C LEU B 81 16.50 6.33 -6.94
N LEU B 82 16.02 6.65 -8.14
CA LEU B 82 14.74 7.33 -8.27
C LEU B 82 13.63 6.28 -8.33
N VAL B 83 12.73 6.35 -7.35
CA VAL B 83 11.62 5.42 -7.23
C VAL B 83 10.32 6.11 -7.66
N VAL B 84 9.62 5.52 -8.61
CA VAL B 84 8.38 6.13 -9.13
C VAL B 84 7.25 5.12 -8.98
N PRO B 85 6.42 5.27 -7.94
CA PRO B 85 5.25 4.38 -7.84
C PRO B 85 4.30 4.55 -9.02
N THR B 86 3.78 3.44 -9.54
CA THR B 86 2.82 3.47 -10.63
C THR B 86 2.16 2.10 -10.72
N PRO B 87 0.85 2.07 -11.04
CA PRO B 87 0.20 0.76 -11.20
C PRO B 87 0.82 -0.06 -12.32
N ALA B 88 1.55 0.60 -13.21
CA ALA B 88 2.18 -0.07 -14.32
C ALA B 88 3.65 -0.42 -14.05
N GLY B 89 4.06 -0.39 -12.79
CA GLY B 89 5.46 -0.60 -12.46
C GLY B 89 5.87 -2.07 -12.39
N TYR B 90 7.18 -2.30 -12.30
CA TYR B 90 7.68 -3.62 -11.91
C TYR B 90 7.20 -3.89 -10.47
N PRO B 91 6.99 -5.16 -10.09
CA PRO B 91 6.53 -5.37 -8.70
C PRO B 91 7.58 -5.01 -7.66
N PHE B 92 7.14 -4.28 -6.64
CA PHE B 92 7.95 -4.07 -5.44
C PHE B 92 7.66 -5.22 -4.51
N THR B 93 8.71 -6.00 -4.21
CA THR B 93 8.59 -7.16 -3.33
C THR B 93 9.56 -7.07 -2.16
N GLN B 94 9.55 -8.07 -1.30
CA GLN B 94 10.48 -8.12 -0.19
C GLN B 94 11.92 -8.14 -0.71
N GLU B 95 12.13 -8.80 -1.85
CA GLU B 95 13.45 -8.79 -2.44
C GLU B 95 13.83 -7.37 -2.82
N THR B 96 12.90 -6.61 -3.40
CA THR B 96 13.19 -5.21 -3.70
C THR B 96 13.56 -4.43 -2.45
N ALA B 97 12.83 -4.68 -1.37
CA ALA B 97 13.08 -3.96 -0.13
C ALA B 97 14.49 -4.27 0.38
N TRP B 98 14.90 -5.53 0.31
CA TRP B 98 16.27 -5.89 0.69
C TRP B 98 17.28 -5.17 -0.18
N GLN B 99 17.01 -5.17 -1.48
CA GLN B 99 17.95 -4.53 -2.42
C GLN B 99 18.09 -3.04 -2.12
N TRP B 100 16.98 -2.36 -1.81
CA TRP B 100 17.04 -0.92 -1.63
C TRP B 100 17.56 -0.53 -0.25
N SER B 101 17.58 -1.50 0.67
CA SER B 101 17.90 -1.21 2.07
C SER B 101 19.34 -0.72 2.27
N THR B 102 20.19 -1.00 1.30
CA THR B 102 21.60 -0.61 1.40
C THR B 102 21.94 0.61 0.53
N GLU B 103 20.91 1.28 0.03
CA GLU B 103 21.12 2.48 -0.79
C GLU B 103 21.43 3.70 0.06
N ASP B 104 22.25 4.59 -0.47
CA ASP B 104 22.56 5.85 0.20
C ASP B 104 21.42 6.85 0.06
N HIS B 105 20.74 6.83 -1.09
CA HIS B 105 19.78 7.89 -1.40
C HIS B 105 18.62 7.43 -2.26
N LEU B 106 17.43 7.41 -1.66
CA LEU B 106 16.18 7.14 -2.37
C LEU B 106 15.44 8.44 -2.60
N VAL B 107 15.00 8.68 -3.83
CA VAL B 107 14.08 9.77 -4.09
C VAL B 107 12.77 9.20 -4.62
N ILE B 108 11.68 9.49 -3.92
CA ILE B 108 10.41 8.90 -4.32
C ILE B 108 9.53 9.98 -4.93
N ALA B 109 9.30 9.85 -6.23
CA ALA B 109 8.50 10.84 -6.96
C ALA B 109 7.05 10.41 -6.98
N CYS B 110 6.19 11.11 -6.24
CA CYS B 110 4.78 10.71 -6.13
C CYS B 110 3.90 11.42 -7.14
N GLY B 111 3.30 10.65 -8.04
CA GLY B 111 2.36 11.19 -9.00
C GLY B 111 0.97 11.37 -8.41
N ARG B 112 0.19 12.19 -9.11
CA ARG B 112 -1.24 12.34 -8.88
C ARG B 112 -1.92 12.38 -10.25
N TYR B 113 -3.20 12.75 -10.30
CA TYR B 113 -3.94 12.75 -11.56
C TYR B 113 -3.88 11.36 -12.21
N GLU B 114 -3.56 11.27 -13.51
CA GLU B 114 -3.41 9.98 -14.18
C GLU B 114 -1.95 9.61 -14.36
N GLY B 115 -1.07 10.28 -13.62
CA GLY B 115 0.33 9.93 -13.65
C GLY B 115 1.23 11.02 -14.18
N ILE B 116 2.49 10.67 -14.37
CA ILE B 116 3.52 11.63 -14.75
C ILE B 116 3.95 11.38 -16.19
N ASP B 117 4.13 12.45 -16.96
CA ASP B 117 4.67 12.37 -18.32
C ASP B 117 5.86 11.42 -18.35
N GLN B 118 5.84 10.44 -19.25
CA GLN B 118 6.86 9.37 -19.28
C GLN B 118 8.28 9.92 -19.43
N ARG B 119 8.39 11.11 -20.03
CA ARG B 119 9.72 11.68 -20.26
C ARG B 119 10.46 12.04 -18.97
N VAL B 120 9.74 12.23 -17.88
CA VAL B 120 10.42 12.52 -16.63
C VAL B 120 11.33 11.35 -16.24
N ALA B 121 10.76 10.13 -16.23
CA ALA B 121 11.53 8.94 -15.91
C ALA B 121 12.61 8.69 -16.96
N ASP B 122 12.27 8.90 -18.23
CA ASP B 122 13.22 8.65 -19.31
C ASP B 122 14.42 9.59 -19.23
N ASP B 123 14.16 10.87 -18.97
CA ASP B 123 15.22 11.86 -18.77
C ASP B 123 16.09 11.51 -17.58
N ALA B 124 15.45 11.19 -16.45
CA ALA B 124 16.19 10.87 -15.24
C ALA B 124 17.10 9.67 -15.47
N ALA B 125 16.65 8.72 -16.27
CA ALA B 125 17.40 7.48 -16.48
C ALA B 125 18.70 7.71 -17.27
N THR B 126 18.82 8.86 -17.91
CA THR B 126 20.06 9.22 -18.58
C THR B 126 21.14 9.66 -17.58
N ARG B 127 20.76 9.88 -16.32
CA ARG B 127 21.77 10.36 -15.36
CA ARG B 127 21.65 10.46 -15.32
C ARG B 127 21.73 9.61 -14.04
N MET B 128 20.73 8.75 -13.84
CA MET B 128 20.65 7.97 -12.60
C MET B 128 19.86 6.69 -12.82
N ARG B 129 19.83 5.83 -11.81
CA ARG B 129 19.03 4.62 -11.88
C ARG B 129 17.58 4.96 -11.54
N VAL B 130 16.64 4.43 -12.33
CA VAL B 130 15.22 4.73 -12.14
C VAL B 130 14.44 3.43 -12.00
N ARG B 131 13.53 3.39 -11.02
CA ARG B 131 12.73 2.20 -10.80
C ARG B 131 11.24 2.57 -10.72
N GLU B 132 10.49 2.27 -11.79
CA GLU B 132 9.03 2.39 -11.73
C GLU B 132 8.47 1.12 -11.09
N VAL B 133 7.74 1.26 -9.99
CA VAL B 133 7.30 0.10 -9.24
C VAL B 133 5.85 0.18 -8.82
N SER B 134 5.24 -0.99 -8.79
CA SER B 134 3.88 -1.14 -8.30
C SER B 134 3.92 -1.85 -6.95
N ILE B 135 3.10 -1.42 -5.99
CA ILE B 135 3.12 -2.10 -4.69
C ILE B 135 2.02 -3.16 -4.59
N GLY B 136 1.24 -3.33 -5.65
CA GLY B 136 0.19 -4.33 -5.64
C GLY B 136 -0.85 -4.06 -6.70
N ASP B 137 -1.66 -5.07 -6.99
CA ASP B 137 -2.59 -4.98 -8.12
C ASP B 137 -3.94 -4.37 -7.73
N TYR B 138 -3.85 -3.11 -7.33
CA TYR B 138 -5.02 -2.29 -7.02
C TYR B 138 -4.59 -0.89 -7.42
N VAL B 139 -5.54 0.02 -7.57
CA VAL B 139 -5.22 1.38 -8.01
C VAL B 139 -5.41 2.38 -6.88
N LEU B 140 -4.38 3.18 -6.63
CA LEU B 140 -4.42 4.25 -5.66
C LEU B 140 -4.81 5.56 -6.36
N ASN B 141 -4.96 6.62 -5.60
CA ASN B 141 -5.23 7.91 -6.24
C ASN B 141 -3.94 8.65 -6.51
N GLY B 142 -2.84 8.16 -5.96
CA GLY B 142 -1.56 8.83 -6.13
C GLY B 142 -0.46 8.00 -5.53
N GLY B 143 0.78 8.49 -5.64
CA GLY B 143 1.94 7.73 -5.20
C GLY B 143 2.24 7.79 -3.71
N GLU B 144 1.56 8.69 -3.00
CA GLU B 144 1.92 8.96 -1.60
C GLU B 144 1.75 7.74 -0.69
N ALA B 145 0.62 7.04 -0.79
CA ALA B 145 0.39 5.86 0.03
C ALA B 145 1.41 4.77 -0.31
N ALA B 146 1.77 4.67 -1.58
CA ALA B 146 2.80 3.71 -2.01
C ALA B 146 4.16 4.09 -1.44
N ALA B 147 4.45 5.39 -1.41
CA ALA B 147 5.68 5.86 -0.80
C ALA B 147 5.76 5.45 0.67
N LEU B 148 4.65 5.58 1.39
CA LEU B 148 4.66 5.20 2.79
C LEU B 148 4.94 3.70 2.95
N VAL B 149 4.35 2.89 2.09
CA VAL B 149 4.53 1.46 2.13
C VAL B 149 5.99 1.12 1.85
N ILE B 150 6.55 1.72 0.81
CA ILE B 150 7.93 1.44 0.41
C ILE B 150 8.90 1.84 1.52
N ILE B 151 8.71 3.04 2.06
CA ILE B 151 9.57 3.52 3.13
C ILE B 151 9.54 2.60 4.33
N GLU B 152 8.34 2.20 4.74
CA GLU B 152 8.23 1.31 5.89
C GLU B 152 8.89 -0.04 5.61
N ALA B 153 8.66 -0.58 4.42
CA ALA B 153 9.18 -1.91 4.11
C ALA B 153 10.71 -1.87 4.01
N VAL B 154 11.25 -0.76 3.52
CA VAL B 154 12.69 -0.62 3.36
C VAL B 154 13.36 -0.33 4.69
N LEU B 155 12.86 0.67 5.40
CA LEU B 155 13.58 1.14 6.59
C LEU B 155 13.71 0.08 7.67
N ARG B 156 12.75 -0.84 7.75
CA ARG B 156 12.84 -1.88 8.78
C ARG B 156 13.93 -2.93 8.49
N LEU B 157 14.54 -2.84 7.30
CA LEU B 157 15.64 -3.74 6.91
C LEU B 157 17.00 -3.05 6.99
N VAL B 158 17.00 -1.74 7.16
CA VAL B 158 18.25 -0.97 7.09
C VAL B 158 19.16 -1.39 8.24
N PRO B 159 20.42 -1.73 7.92
CA PRO B 159 21.37 -2.25 8.92
C PRO B 159 21.44 -1.35 10.14
N GLY B 160 21.14 -1.89 11.31
CA GLY B 160 21.10 -1.11 12.53
C GLY B 160 19.69 -0.67 12.89
N VAL B 161 18.69 -1.34 12.34
CA VAL B 161 17.29 -1.05 12.68
C VAL B 161 16.58 -2.33 13.09
N SER B 179 8.24 -16.67 0.14
CA SER B 179 8.63 -17.95 0.70
C SER B 179 7.41 -18.72 1.21
N LEU B 180 7.13 -18.62 2.51
CA LEU B 180 5.97 -19.25 3.13
C LEU B 180 5.22 -18.26 4.00
N LEU B 181 3.92 -18.47 4.19
CA LEU B 181 3.13 -17.55 5.01
C LEU B 181 3.28 -17.86 6.49
N GLU B 182 3.33 -16.80 7.29
CA GLU B 182 3.32 -16.90 8.74
C GLU B 182 2.07 -17.60 9.23
N GLY B 183 2.24 -18.55 10.15
CA GLY B 183 1.14 -19.23 10.78
C GLY B 183 0.54 -18.37 11.88
N PRO B 184 -0.50 -18.88 12.55
CA PRO B 184 -1.15 -18.12 13.61
C PRO B 184 -0.31 -18.00 14.88
N SER B 185 -0.51 -16.93 15.63
CA SER B 185 0.21 -16.70 16.89
CA SER B 185 0.20 -16.74 16.90
C SER B 185 -0.80 -16.53 18.02
N TYR B 186 -0.36 -16.80 19.24
CA TYR B 186 -1.22 -16.74 20.43
C TYR B 186 -0.46 -16.22 21.63
N THR B 187 -1.21 -15.65 22.57
CA THR B 187 -0.61 -15.23 23.82
C THR B 187 -1.65 -15.40 24.91
N ARG B 188 -1.37 -14.90 26.11
CA ARG B 188 -2.23 -15.18 27.25
C ARG B 188 -3.60 -14.46 27.17
N PRO B 189 -4.65 -15.06 27.72
CA PRO B 189 -4.69 -16.31 28.49
C PRO B 189 -4.78 -17.57 27.62
N PRO B 190 -4.48 -18.73 28.20
CA PRO B 190 -4.50 -19.96 27.40
C PRO B 190 -5.90 -20.40 26.96
N SER B 191 -6.93 -19.94 27.67
CA SER B 191 -8.30 -20.14 27.25
C SER B 191 -9.00 -18.79 27.26
N TRP B 192 -9.70 -18.45 26.17
CA TRP B 192 -10.35 -17.15 26.04
C TRP B 192 -11.66 -17.31 25.28
N ARG B 193 -12.76 -16.93 25.91
CA ARG B 193 -14.10 -17.08 25.33
C ARG B 193 -14.36 -18.53 24.93
N GLY B 194 -13.75 -19.46 25.66
CA GLY B 194 -13.91 -20.87 25.37
C GLY B 194 -13.09 -21.36 24.19
N MET B 195 -12.12 -20.55 23.77
CA MET B 195 -11.21 -20.90 22.68
C MET B 195 -9.80 -21.14 23.24
N ASP B 196 -9.28 -22.34 23.03
CA ASP B 196 -7.98 -22.69 23.59
C ASP B 196 -6.83 -22.44 22.63
N VAL B 197 -5.73 -21.96 23.20
CA VAL B 197 -4.46 -21.95 22.50
C VAL B 197 -4.16 -23.42 22.19
N PRO B 198 -3.72 -23.72 20.95
CA PRO B 198 -3.34 -25.10 20.61
C PRO B 198 -2.42 -25.71 21.67
N PRO B 199 -2.81 -26.87 22.23
CA PRO B 199 -2.10 -27.52 23.33
C PRO B 199 -0.59 -27.69 23.08
N VAL B 200 -0.21 -27.94 21.82
CA VAL B 200 1.20 -28.15 21.52
C VAL B 200 2.03 -26.91 21.90
N LEU B 201 1.45 -25.72 21.78
CA LEU B 201 2.19 -24.50 22.06
C LEU B 201 2.44 -24.30 23.55
N LEU B 202 1.68 -25.03 24.37
CA LEU B 202 1.80 -24.97 25.81
C LEU B 202 2.73 -26.07 26.32
N SER B 203 3.05 -27.03 25.45
CA SER B 203 3.75 -28.25 25.85
C SER B 203 5.24 -28.05 26.12
N GLY B 204 5.83 -27.01 25.52
CA GLY B 204 7.25 -26.75 25.68
C GLY B 204 8.15 -27.67 24.87
N ASP B 205 7.55 -28.51 24.04
CA ASP B 205 8.29 -29.42 23.16
C ASP B 205 8.66 -28.68 21.87
N HIS B 206 9.89 -28.16 21.82
CA HIS B 206 10.31 -27.33 20.68
C HIS B 206 10.16 -28.02 19.32
N ALA B 207 10.49 -29.31 19.26
CA ALA B 207 10.39 -30.04 18.00
C ALA B 207 8.93 -30.14 17.54
N LYS B 208 8.05 -30.51 18.45
CA LYS B 208 6.64 -30.64 18.13
C LYS B 208 6.04 -29.26 17.80
N ILE B 209 6.53 -28.22 18.47
CA ILE B 209 6.07 -26.86 18.21
C ILE B 209 6.55 -26.38 16.85
N ALA B 210 7.82 -26.62 16.55
CA ALA B 210 8.38 -26.27 15.24
C ALA B 210 7.63 -26.99 14.12
N ALA B 211 7.27 -28.24 14.38
CA ALA B 211 6.54 -29.06 13.40
C ALA B 211 5.12 -28.54 13.17
N TRP B 212 4.41 -28.27 14.26
CA TRP B 212 3.04 -27.80 14.16
C TRP B 212 3.00 -26.45 13.43
N ARG B 213 3.96 -25.59 13.73
CA ARG B 213 4.01 -24.28 13.10
C ARG B 213 4.33 -24.40 11.61
N ALA B 214 5.16 -25.37 11.24
CA ALA B 214 5.46 -25.61 9.84
C ALA B 214 4.20 -26.06 9.10
N GLU B 215 3.48 -27.01 9.69
CA GLU B 215 2.25 -27.52 9.11
C GLU B 215 1.19 -26.41 9.00
N GLN B 216 1.14 -25.51 9.98
CA GLN B 216 0.16 -24.42 9.91
C GLN B 216 0.48 -23.46 8.76
N SER B 217 1.76 -23.14 8.65
CA SER B 217 2.28 -22.24 7.64
CA SER B 217 2.26 -22.23 7.63
C SER B 217 2.06 -22.79 6.23
N ARG B 218 2.38 -24.06 6.04
CA ARG B 218 2.22 -24.63 4.72
C ARG B 218 0.71 -24.80 4.42
N GLN B 219 -0.08 -25.13 5.42
CA GLN B 219 -1.54 -25.20 5.27
C GLN B 219 -2.14 -23.83 4.88
N ARG B 220 -1.65 -22.77 5.52
CA ARG B 220 -2.13 -21.43 5.25
C ARG B 220 -1.68 -20.98 3.85
N THR B 221 -0.47 -21.38 3.48
CA THR B 221 0.06 -20.96 2.18
C THR B 221 -0.72 -21.61 1.04
N ILE B 222 -1.00 -22.91 1.16
CA ILE B 222 -1.85 -23.60 0.19
C ILE B 222 -3.22 -22.94 0.00
N GLU B 223 -3.88 -22.61 1.11
CA GLU B 223 -5.21 -22.04 1.04
C GLU B 223 -5.25 -20.58 0.54
N ARG B 224 -4.30 -19.77 0.99
CA ARG B 224 -4.35 -18.34 0.71
C ARG B 224 -3.45 -17.86 -0.41
N ARG B 225 -2.31 -18.52 -0.58
CA ARG B 225 -1.32 -18.11 -1.57
C ARG B 225 -0.69 -19.31 -2.29
N PRO B 226 -1.51 -20.11 -2.98
CA PRO B 226 -0.97 -21.33 -3.60
C PRO B 226 0.10 -21.01 -4.62
N ASP B 227 0.09 -19.78 -5.13
CA ASP B 227 1.11 -19.37 -6.10
C ASP B 227 2.52 -19.41 -5.50
N LEU B 228 2.65 -19.18 -4.19
CA LEU B 228 3.97 -19.19 -3.55
C LEU B 228 4.60 -20.57 -3.57
N LEU B 229 3.78 -21.60 -3.71
CA LEU B 229 4.24 -22.99 -3.74
C LEU B 229 4.15 -23.56 -5.15
N GLY B 230 3.94 -22.68 -6.12
CA GLY B 230 3.91 -23.09 -7.52
C GLY B 230 2.61 -23.76 -7.96
N PHE B 231 1.49 -23.35 -7.37
CA PHE B 231 0.19 -23.87 -7.80
C PHE B 231 -0.67 -22.76 -8.41
N ASP B 232 -1.70 -23.15 -9.15
CA ASP B 232 -2.61 -22.19 -9.79
C ASP B 232 -3.32 -21.30 -8.77
N SER B 233 -3.53 -20.05 -9.15
CA SER B 233 -4.31 -19.11 -8.35
C SER B 233 -5.81 -19.37 -8.57
N PRO B 234 -6.65 -18.98 -7.58
CA PRO B 234 -8.07 -19.30 -7.64
C PRO B 234 -8.89 -18.40 -8.58
N THR B 235 -10.13 -18.83 -8.86
CA THR B 235 -11.12 -18.05 -9.61
C THR B 235 -10.57 -17.38 -10.86
C10 JFE C . 0.93 -6.31 10.73
C15 JFE C . 4.71 -8.46 11.13
C17 JFE C . 6.22 -10.33 10.96
C20 JFE C . 3.62 -9.35 11.11
C22 JFE C . 1.47 -11.12 11.35
C24 JFE C . 1.04 -6.36 12.16
N01 JFE C . 1.03 -7.00 2.99
C02 JFE C . 1.50 -6.79 4.29
N03 JFE C . 2.80 -6.63 4.63
N04 JFE C . 2.88 -6.45 5.97
C05 JFE C . 1.66 -6.45 6.49
C06 JFE C . 0.75 -6.69 5.48
C07 JFE C . 1.37 -6.33 7.97
C08 JFE C . 0.07 -6.11 8.44
C09 JFE C . -0.14 -6.11 9.83
C11 JFE C . 2.22 -6.53 10.25
C12 JFE C . 2.43 -6.56 8.85
N13 JFE C . 3.06 -6.70 11.32
C14 JFE C . 4.46 -6.96 11.23
C16 JFE C . 6.00 -8.94 11.06
C18 JFE C . 5.13 -11.22 10.95
C19 JFE C . 3.85 -10.75 11.02
O21 JFE C . 2.77 -11.65 10.98
C23 JFE C . 2.36 -6.59 12.48
S SO4 D . 20.00 0.47 -14.17
O1 SO4 D . 20.45 -0.31 -13.02
O2 SO4 D . 19.69 -0.40 -15.29
O3 SO4 D . 18.80 1.23 -13.81
O4 SO4 D . 21.05 1.41 -14.56
C10 JFE E . -0.05 7.27 -9.04
C15 JFE E . -3.60 6.50 -11.40
C17 JFE E . -4.96 5.50 -13.14
C20 JFE E . -2.47 6.26 -12.19
C22 JFE E . -0.24 6.04 -13.83
C24 JFE E . -0.25 8.59 -9.57
N01 JFE E . 0.48 -0.17 -7.11
C02 JFE E . -0.14 1.05 -7.33
N03 JFE E . -1.46 1.26 -7.28
N04 JFE E . -1.69 2.57 -7.54
C05 JFE E . -0.55 3.20 -7.74
C06 JFE E . 0.47 2.27 -7.63
C07 JFE E . -0.36 4.64 -8.13
C08 JFE E . 0.88 5.27 -8.02
C09 JFE E . 1.05 6.59 -8.45
C11 JFE E . -1.29 6.64 -9.15
C12 JFE E . -1.46 5.30 -8.73
N13 JFE E . -2.16 7.50 -9.73
C14 JFE E . -3.51 7.17 -10.02
C16 JFE E . -4.84 6.11 -11.87
C18 JFE E . -3.83 5.26 -13.91
C19 JFE E . -2.60 5.64 -13.46
O21 JFE E . -1.46 5.39 -14.26
C23 JFE E . -1.55 8.69 -10.00
#